data_5HYH
#
_entry.id   5HYH
#
_cell.length_a   56.961
_cell.length_b   56.961
_cell.length_c   151.099
_cell.angle_alpha   90.00
_cell.angle_beta   90.00
_cell.angle_gamma   120.00
#
_symmetry.space_group_name_H-M   'P 32 2 1'
#
loop_
_entity.id
_entity.type
_entity.pdbx_description
1 polymer 'Uncharacterized protein'
2 non-polymer 'FE (III) ION'
3 non-polymer 'L(+)-TARTARIC ACID'
4 water water
#
_entity_poly.entity_id   1
_entity_poly.type   'polypeptide(L)'
_entity_poly.pdbx_seq_one_letter_code
;HHHHHHHHAIAENAVINRLVGNWHRRAAVKREEPDVYALFDPGRPDFREDMIPFRGHPIWERLSDETRSRLLSWGWVAYN
RNTVLIEQRIANPAFELVIGGAYPGLGGQQLELAVAQAMVDEQYHTLMHINGSAVTRRMRRSDFSDRVLPDSHITTIHQE
HLDRCEEPWQRSLTTLGFATVAEISINAYLDLLADDQEIQVVNSTTVKLHNRDEYCHASISGEMMKQVYEALPADRRRFL
LEKVVAGLEAFVAPDFTTWESIVAFEGVPGWEKAAAEVREAQGGTHLVQDHSGIHTLLTEMDVLDQVEFGWGTTVTR
;
_entity_poly.pdbx_strand_id   A
#
loop_
_chem_comp.id
_chem_comp.type
_chem_comp.name
_chem_comp.formula
FE non-polymer 'FE (III) ION' 'Fe 3'
TLA non-polymer 'L(+)-TARTARIC ACID' 'C4 H6 O6'
#
# COMPACT_ATOMS: atom_id res chain seq x y z
N ASN A 13 -25.34 -7.47 -9.64
CA ASN A 13 -24.64 -6.33 -8.97
C ASN A 13 -24.36 -5.22 -9.97
N ALA A 14 -25.04 -4.09 -9.77
CA ALA A 14 -24.99 -2.97 -10.71
C ALA A 14 -23.69 -2.19 -10.58
N VAL A 15 -23.11 -2.19 -9.38
CA VAL A 15 -21.82 -1.55 -9.15
C VAL A 15 -20.80 -2.22 -10.05
N ILE A 16 -20.62 -3.52 -9.84
CA ILE A 16 -19.74 -4.33 -10.67
C ILE A 16 -20.02 -4.06 -12.15
N ASN A 17 -21.28 -4.20 -12.54
CA ASN A 17 -21.66 -4.11 -13.96
C ASN A 17 -21.26 -2.81 -14.63
N ARG A 18 -21.45 -1.69 -13.97
CA ARG A 18 -21.13 -0.40 -14.57
C ARG A 18 -19.62 -0.13 -14.61
N LEU A 19 -18.92 -0.51 -13.54
CA LEU A 19 -17.45 -0.47 -13.53
C LEU A 19 -16.89 -1.23 -14.73
N VAL A 20 -17.46 -2.41 -14.99
CA VAL A 20 -17.08 -3.21 -16.16
C VAL A 20 -17.38 -2.43 -17.43
N GLY A 21 -18.55 -1.81 -17.48
CA GLY A 21 -18.98 -1.12 -18.69
C GLY A 21 -18.09 0.05 -19.06
N ASN A 22 -17.78 0.91 -18.09
CA ASN A 22 -17.07 2.16 -18.39
C ASN A 22 -15.56 2.11 -18.13
N TRP A 23 -14.99 0.94 -17.83
CA TRP A 23 -13.54 0.83 -17.58
C TRP A 23 -12.72 1.48 -18.70
N HIS A 24 -13.00 1.12 -19.94
CA HIS A 24 -12.28 1.71 -21.07
C HIS A 24 -12.29 3.25 -21.06
N ARG A 25 -13.26 3.85 -20.35
CA ARG A 25 -13.40 5.29 -20.27
C ARG A 25 -12.61 5.93 -19.12
N ARG A 26 -12.55 5.30 -17.95
CA ARG A 26 -11.94 5.95 -16.77
C ARG A 26 -10.49 5.52 -16.46
N ALA A 27 -10.08 4.35 -16.93
CA ALA A 27 -8.79 3.75 -16.51
C ALA A 27 -7.59 4.63 -16.85
N ALA A 28 -6.75 4.91 -15.87
CA ALA A 28 -5.54 5.70 -16.08
C ALA A 28 -4.63 5.14 -17.18
N VAL A 29 -4.63 3.82 -17.38
CA VAL A 29 -3.76 3.20 -18.37
C VAL A 29 -4.02 3.66 -19.82
N LYS A 30 -4.99 4.55 -19.98
CA LYS A 30 -5.30 5.19 -21.28
C LYS A 30 -5.11 6.71 -21.31
N PHE A 40 10.81 18.86 -14.17
CA PHE A 40 11.65 18.76 -12.97
C PHE A 40 12.20 20.10 -12.43
N ASP A 41 12.10 20.27 -11.12
CA ASP A 41 12.68 21.41 -10.40
C ASP A 41 13.53 20.91 -9.21
N PRO A 42 14.87 20.93 -9.36
CA PRO A 42 15.76 20.45 -8.29
C PRO A 42 15.46 21.09 -6.94
N GLY A 43 14.97 22.33 -6.97
CA GLY A 43 14.54 23.04 -5.76
C GLY A 43 13.47 22.34 -4.96
N ARG A 44 12.53 21.68 -5.64
CA ARG A 44 11.44 20.99 -4.97
C ARG A 44 11.89 19.67 -4.34
N PRO A 45 11.42 19.38 -3.11
CA PRO A 45 11.71 18.10 -2.51
C PRO A 45 10.92 17.00 -3.24
N ASP A 46 11.48 15.81 -3.29
CA ASP A 46 10.84 14.70 -4.00
C ASP A 46 9.77 14.03 -3.12
N PHE A 47 9.69 14.42 -1.84
CA PHE A 47 8.89 13.71 -0.84
C PHE A 47 8.54 14.70 0.29
N ARG A 48 7.71 14.24 1.22
CA ARG A 48 7.29 15.00 2.39
C ARG A 48 8.21 14.74 3.58
N GLU A 49 8.78 15.80 4.15
CA GLU A 49 9.68 15.66 5.28
C GLU A 49 9.01 14.98 6.44
N ASP A 50 7.73 15.29 6.64
CA ASP A 50 7.02 14.83 7.83
C ASP A 50 6.67 13.33 7.80
N MET A 51 6.93 12.68 6.66
CA MET A 51 6.82 11.22 6.54
C MET A 51 8.18 10.50 6.68
N ILE A 52 9.23 11.24 7.02
CA ILE A 52 10.53 10.64 7.38
C ILE A 52 10.63 10.53 8.91
N PRO A 53 10.80 9.31 9.44
CA PRO A 53 10.89 9.19 10.89
C PRO A 53 11.98 10.04 11.56
N PHE A 54 13.17 10.08 10.97
CA PHE A 54 14.26 10.91 11.46
C PHE A 54 13.97 12.42 11.43
N ARG A 55 13.02 12.86 10.61
CA ARG A 55 12.61 14.26 10.64
C ARG A 55 12.14 14.68 12.05
N GLY A 56 11.59 13.75 12.81
CA GLY A 56 11.11 14.01 14.17
C GLY A 56 12.09 13.75 15.28
N HIS A 57 13.38 13.75 14.98
CA HIS A 57 14.39 13.39 15.97
C HIS A 57 15.51 14.45 15.86
N PRO A 58 16.24 14.73 16.96
CA PRO A 58 17.35 15.71 16.92
C PRO A 58 18.44 15.44 15.88
N ILE A 59 18.63 14.18 15.49
CA ILE A 59 19.64 13.83 14.47
C ILE A 59 19.42 14.58 13.15
N TRP A 60 18.18 14.95 12.84
CA TRP A 60 17.87 15.69 11.61
C TRP A 60 18.69 16.97 11.48
N GLU A 61 18.94 17.63 12.62
CA GLU A 61 19.77 18.85 12.65
C GLU A 61 21.26 18.58 12.44
N ARG A 62 21.73 17.37 12.72
CA ARG A 62 23.12 17.01 12.45
C ARG A 62 23.37 16.75 10.94
N LEU A 63 22.32 16.65 10.12
CA LEU A 63 22.50 16.25 8.74
C LEU A 63 22.66 17.44 7.82
N SER A 64 23.49 17.26 6.79
CA SER A 64 23.74 18.25 5.74
C SER A 64 22.53 18.41 4.81
N ASP A 65 22.44 19.54 4.10
CA ASP A 65 21.36 19.73 3.14
C ASP A 65 21.37 18.62 2.08
N GLU A 66 22.57 18.20 1.66
CA GLU A 66 22.69 17.13 0.69
C GLU A 66 22.09 15.83 1.20
N THR A 67 22.40 15.46 2.45
CA THR A 67 21.87 14.25 3.04
C THR A 67 20.34 14.35 3.21
N ARG A 68 19.86 15.49 3.71
CA ARG A 68 18.41 15.72 3.84
C ARG A 68 17.72 15.53 2.52
N SER A 69 18.32 16.04 1.45
CA SER A 69 17.76 15.92 0.12
C SER A 69 17.68 14.44 -0.33
N ARG A 70 18.74 13.67 -0.08
CA ARG A 70 18.81 12.29 -0.56
C ARG A 70 17.82 11.40 0.21
N LEU A 71 17.60 11.73 1.48
CA LEU A 71 16.64 11.06 2.32
C LEU A 71 15.20 11.30 1.87
N LEU A 72 14.92 12.50 1.38
CA LEU A 72 13.66 12.83 0.73
C LEU A 72 13.52 12.00 -0.54
N SER A 73 14.55 11.99 -1.40
CA SER A 73 14.55 11.13 -2.60
C SER A 73 14.30 9.65 -2.24
N TRP A 74 15.07 9.12 -1.30
CA TRP A 74 14.89 7.74 -0.81
C TRP A 74 13.47 7.46 -0.31
N GLY A 75 12.93 8.40 0.46
CA GLY A 75 11.51 8.36 0.88
C GLY A 75 10.55 8.11 -0.27
N TRP A 76 10.65 8.91 -1.33
CA TRP A 76 9.84 8.70 -2.54
C TRP A 76 10.05 7.34 -3.17
N VAL A 77 11.31 6.98 -3.33
CA VAL A 77 11.70 5.66 -3.85
C VAL A 77 11.11 4.53 -3.01
N ALA A 78 11.19 4.66 -1.70
CA ALA A 78 10.63 3.63 -0.82
C ALA A 78 9.10 3.55 -0.91
N TYR A 79 8.47 4.71 -1.03
CA TYR A 79 7.03 4.78 -1.15
C TYR A 79 6.59 4.10 -2.46
N ASN A 80 7.33 4.32 -3.53
CA ASN A 80 7.08 3.61 -4.78
C ASN A 80 7.26 2.09 -4.62
N ARG A 81 8.32 1.69 -3.92
CA ARG A 81 8.63 0.28 -3.74
C ARG A 81 7.53 -0.47 -2.95
N ASN A 82 7.03 0.19 -1.91
CA ASN A 82 5.94 -0.35 -1.08
C ASN A 82 4.69 -0.56 -1.91
N THR A 83 4.37 0.43 -2.73
CA THR A 83 3.24 0.35 -3.63
C THR A 83 3.39 -0.81 -4.64
N VAL A 84 4.55 -0.91 -5.28
CA VAL A 84 4.82 -2.03 -6.21
C VAL A 84 4.68 -3.39 -5.51
N LEU A 85 5.31 -3.49 -4.35
CA LEU A 85 5.31 -4.71 -3.56
C LEU A 85 3.90 -5.14 -3.13
N ILE A 86 3.07 -4.17 -2.75
CA ILE A 86 1.65 -4.43 -2.49
C ILE A 86 0.95 -4.98 -3.74
N GLU A 87 1.10 -4.32 -4.89
CA GLU A 87 0.46 -4.77 -6.11
C GLU A 87 0.90 -6.17 -6.48
N GLN A 88 2.21 -6.42 -6.43
CA GLN A 88 2.75 -7.68 -6.93
C GLN A 88 2.63 -8.86 -5.93
N ARG A 89 2.74 -8.60 -4.63
CA ARG A 89 2.72 -9.67 -3.63
C ARG A 89 1.34 -9.89 -2.98
N ILE A 90 0.46 -8.89 -3.05
CA ILE A 90 -0.78 -8.96 -2.30
C ILE A 90 -1.99 -8.79 -3.20
N ALA A 91 -2.09 -7.65 -3.89
CA ALA A 91 -3.33 -7.28 -4.60
C ALA A 91 -3.57 -8.17 -5.78
N ASN A 92 -2.61 -8.26 -6.68
CA ASN A 92 -2.82 -9.05 -7.87
C ASN A 92 -2.94 -10.56 -7.53
N PRO A 93 -2.15 -11.05 -6.56
CA PRO A 93 -2.33 -12.45 -6.19
C PRO A 93 -3.74 -12.75 -5.65
N ALA A 94 -4.34 -11.82 -4.92
CA ALA A 94 -5.70 -11.98 -4.47
C ALA A 94 -6.69 -11.95 -5.65
N PHE A 95 -6.50 -11.01 -6.57
CA PHE A 95 -7.36 -10.94 -7.75
C PHE A 95 -7.33 -12.23 -8.55
N GLU A 96 -6.14 -12.83 -8.66
CA GLU A 96 -5.96 -14.10 -9.39
C GLU A 96 -6.67 -15.28 -8.68
N LEU A 97 -6.58 -15.32 -7.36
CA LEU A 97 -7.33 -16.31 -6.56
C LEU A 97 -8.83 -16.13 -6.70
N VAL A 98 -9.29 -14.88 -6.74
CA VAL A 98 -10.70 -14.60 -7.00
C VAL A 98 -11.11 -15.23 -8.33
N ILE A 99 -10.39 -14.90 -9.41
CA ILE A 99 -10.76 -15.42 -10.71
C ILE A 99 -10.70 -16.94 -10.78
N GLY A 100 -9.72 -17.53 -10.07
CA GLY A 100 -9.56 -18.97 -10.06
C GLY A 100 -10.53 -19.73 -9.15
N GLY A 101 -11.48 -19.04 -8.51
CA GLY A 101 -12.53 -19.70 -7.73
C GLY A 101 -12.10 -20.14 -6.35
N ALA A 102 -11.08 -19.49 -5.78
CA ALA A 102 -10.59 -19.87 -4.45
C ALA A 102 -11.59 -19.61 -3.32
N TYR A 103 -12.52 -18.68 -3.52
CA TYR A 103 -13.45 -18.18 -2.49
C TYR A 103 -14.90 -18.47 -2.86
N PRO A 104 -15.70 -18.91 -1.88
CA PRO A 104 -17.15 -19.04 -2.12
C PRO A 104 -17.83 -17.66 -2.21
N GLY A 105 -19.00 -17.63 -2.84
CA GLY A 105 -19.83 -16.42 -2.95
C GLY A 105 -19.52 -15.47 -4.12
N LEU A 106 -18.53 -15.81 -4.94
CA LEU A 106 -18.10 -14.95 -6.05
C LEU A 106 -18.48 -15.65 -7.37
N GLY A 107 -17.69 -15.48 -8.42
CA GLY A 107 -17.91 -16.15 -9.67
C GLY A 107 -18.82 -15.35 -10.59
N GLY A 108 -19.02 -15.86 -11.79
CA GLY A 108 -19.79 -15.14 -12.79
C GLY A 108 -18.87 -14.31 -13.65
N GLN A 109 -19.34 -14.07 -14.87
CA GLN A 109 -18.52 -13.49 -15.94
C GLN A 109 -18.20 -12.04 -15.67
N GLN A 110 -19.17 -11.31 -15.15
CA GLN A 110 -19.00 -9.88 -14.91
C GLN A 110 -17.91 -9.62 -13.88
N LEU A 111 -17.96 -10.33 -12.75
CA LEU A 111 -16.90 -10.18 -11.76
C LEU A 111 -15.52 -10.50 -12.32
N GLU A 112 -15.45 -11.57 -13.11
CA GLU A 112 -14.20 -11.98 -13.75
C GLU A 112 -13.64 -10.85 -14.61
N LEU A 113 -14.51 -10.18 -15.37
CA LEU A 113 -14.09 -9.06 -16.20
C LEU A 113 -13.64 -7.86 -15.37
N ALA A 114 -14.42 -7.52 -14.34
CA ALA A 114 -14.09 -6.42 -13.43
C ALA A 114 -12.71 -6.63 -12.81
N VAL A 115 -12.45 -7.86 -12.37
CA VAL A 115 -11.20 -8.19 -11.71
C VAL A 115 -10.06 -8.22 -12.73
N ALA A 116 -10.30 -8.80 -13.91
CA ALA A 116 -9.28 -8.85 -14.97
C ALA A 116 -8.88 -7.43 -15.32
N GLN A 117 -9.85 -6.51 -15.35
CA GLN A 117 -9.54 -5.09 -15.58
C GLN A 117 -8.67 -4.49 -14.48
N ALA A 118 -9.02 -4.75 -13.22
CA ALA A 118 -8.28 -4.22 -12.09
C ALA A 118 -6.82 -4.68 -12.09
N MET A 119 -6.60 -5.93 -12.49
CA MET A 119 -5.25 -6.47 -12.64
C MET A 119 -4.43 -5.68 -13.67
N VAL A 120 -5.03 -5.30 -14.79
CA VAL A 120 -4.37 -4.40 -15.72
C VAL A 120 -4.01 -3.10 -15.02
N ASP A 121 -4.98 -2.52 -14.32
CA ASP A 121 -4.74 -1.27 -13.60
C ASP A 121 -3.55 -1.38 -12.66
N GLU A 122 -3.52 -2.44 -11.85
CA GLU A 122 -2.48 -2.61 -10.85
C GLU A 122 -1.12 -2.71 -11.50
N GLN A 123 -1.05 -3.45 -12.59
CA GLN A 123 0.20 -3.59 -13.29
C GLN A 123 0.66 -2.23 -13.83
N TYR A 124 -0.30 -1.43 -14.29
CA TYR A 124 0.02 -0.10 -14.80
C TYR A 124 0.47 0.81 -13.66
N HIS A 125 -0.16 0.67 -12.50
CA HIS A 125 0.27 1.40 -11.30
C HIS A 125 1.70 1.06 -10.91
N THR A 126 2.02 -0.22 -10.95
CA THR A 126 3.40 -0.68 -10.75
C THR A 126 4.35 0.03 -11.73
N LEU A 127 3.98 0.10 -13.00
CA LEU A 127 4.81 0.81 -13.98
C LEU A 127 4.98 2.30 -13.68
N MET A 128 3.88 2.95 -13.31
CA MET A 128 3.88 4.35 -12.96
C MET A 128 4.82 4.61 -11.80
N HIS A 129 4.81 3.74 -10.81
CA HIS A 129 5.64 3.93 -9.63
C HIS A 129 7.11 3.60 -9.90
N ILE A 130 7.36 2.60 -10.73
CA ILE A 130 8.72 2.30 -11.18
C ILE A 130 9.27 3.48 -11.96
N ASN A 131 8.43 4.10 -12.78
CA ASN A 131 8.89 5.25 -13.57
C ASN A 131 9.11 6.48 -12.69
N GLY A 132 8.28 6.62 -11.67
CA GLY A 132 8.46 7.66 -10.67
C GLY A 132 9.85 7.61 -10.05
N SER A 133 10.33 6.41 -9.74
CA SER A 133 11.64 6.24 -9.17
C SER A 133 12.70 6.46 -10.25
N ALA A 134 12.46 5.96 -11.46
CA ALA A 134 13.40 6.10 -12.57
C ALA A 134 13.70 7.58 -12.85
N VAL A 135 12.66 8.40 -12.88
CA VAL A 135 12.79 9.83 -13.15
C VAL A 135 13.64 10.47 -12.07
N THR A 136 13.34 10.15 -10.81
CA THR A 136 14.13 10.64 -9.67
C THR A 136 15.61 10.27 -9.79
N ARG A 137 15.90 9.02 -10.13
CA ARG A 137 17.27 8.57 -10.33
C ARG A 137 17.98 9.31 -11.46
N ARG A 138 17.26 9.54 -12.56
CA ARG A 138 17.81 10.24 -13.71
C ARG A 138 18.10 11.69 -13.33
N MET A 139 17.09 12.39 -12.80
CA MET A 139 17.22 13.82 -12.51
C MET A 139 18.17 14.12 -11.36
N ARG A 140 18.27 13.25 -10.36
CA ARG A 140 19.17 13.52 -9.25
C ARG A 140 20.56 12.93 -9.53
N ARG A 141 20.65 12.11 -10.58
CA ARG A 141 21.92 11.49 -10.98
C ARG A 141 22.50 10.60 -9.90
N SER A 142 21.70 9.63 -9.47
CA SER A 142 22.06 8.75 -8.37
C SER A 142 21.24 7.46 -8.45
N ASP A 143 21.79 6.37 -7.95
CA ASP A 143 21.19 5.04 -8.14
C ASP A 143 19.90 4.79 -7.34
N PHE A 144 19.85 5.24 -6.09
CA PHE A 144 18.73 4.95 -5.16
C PHE A 144 18.13 3.58 -5.48
N SER A 145 18.96 2.55 -5.34
CA SER A 145 18.56 1.24 -5.84
C SER A 145 17.51 0.60 -4.94
N ASP A 146 16.49 -0.01 -5.56
CA ASP A 146 15.52 -0.83 -4.86
C ASP A 146 16.18 -1.97 -4.07
N ARG A 147 17.34 -2.43 -4.55
CA ARG A 147 18.10 -3.52 -3.93
C ARG A 147 18.57 -3.18 -2.53
N VAL A 148 18.72 -1.90 -2.23
CA VAL A 148 19.04 -1.43 -0.88
C VAL A 148 17.86 -1.61 0.08
N LEU A 149 16.64 -1.55 -0.43
CA LEU A 149 15.46 -1.63 0.44
C LEU A 149 15.05 -3.08 0.72
N PRO A 150 14.72 -3.40 1.99
CA PRO A 150 14.18 -4.70 2.28
C PRO A 150 12.70 -4.76 1.85
N ASP A 151 12.09 -5.93 2.04
CA ASP A 151 10.64 -6.07 2.02
C ASP A 151 9.99 -4.98 2.85
N SER A 152 8.95 -4.36 2.32
CA SER A 152 8.20 -3.34 3.05
C SER A 152 7.48 -3.99 4.22
N HIS A 153 7.02 -3.17 5.18
CA HIS A 153 6.45 -3.70 6.41
C HIS A 153 5.22 -4.55 6.12
N ILE A 154 4.30 -4.05 5.29
CA ILE A 154 3.11 -4.84 5.00
C ILE A 154 3.41 -6.17 4.29
N THR A 155 4.41 -6.18 3.41
CA THR A 155 4.88 -7.37 2.70
C THR A 155 5.40 -8.40 3.70
N THR A 156 6.22 -7.92 4.61
CA THR A 156 6.74 -8.72 5.70
C THR A 156 5.65 -9.38 6.52
N ILE A 157 4.68 -8.60 6.96
CA ILE A 157 3.65 -9.12 7.87
C ILE A 157 2.75 -10.11 7.12
N HIS A 158 2.41 -9.78 5.88
CA HIS A 158 1.66 -10.69 5.00
C HIS A 158 2.41 -12.03 4.91
N GLN A 159 3.72 -11.96 4.67
CA GLN A 159 4.48 -13.17 4.51
C GLN A 159 4.58 -13.97 5.83
N GLU A 160 4.69 -13.27 6.97
CA GLU A 160 4.70 -13.93 8.28
C GLU A 160 3.40 -14.69 8.52
N HIS A 161 2.28 -14.07 8.20
CA HIS A 161 0.98 -14.73 8.37
C HIS A 161 0.82 -15.94 7.46
N LEU A 162 1.29 -15.81 6.22
CA LEU A 162 1.28 -16.90 5.28
C LEU A 162 2.09 -18.08 5.81
N ASP A 163 3.32 -17.81 6.24
CA ASP A 163 4.17 -18.86 6.79
C ASP A 163 3.59 -19.56 8.03
N ARG A 164 2.72 -18.90 8.78
CA ARG A 164 2.05 -19.59 9.91
C ARG A 164 0.85 -20.43 9.49
N CYS A 165 0.38 -20.27 8.25
CA CYS A 165 -0.75 -21.08 7.77
C CYS A 165 -0.38 -22.56 7.65
N GLU A 166 -1.32 -23.44 7.96
CA GLU A 166 -1.12 -24.87 7.78
C GLU A 166 -1.85 -25.41 6.55
N GLU A 167 -2.94 -24.76 6.14
CA GLU A 167 -3.78 -25.22 5.04
C GLU A 167 -3.85 -24.22 3.89
N PRO A 168 -4.02 -24.72 2.65
CA PRO A 168 -4.22 -23.84 1.50
C PRO A 168 -5.31 -22.81 1.71
N TRP A 169 -6.49 -23.21 2.21
CA TRP A 169 -7.60 -22.27 2.40
C TRP A 169 -7.22 -21.08 3.32
N GLN A 170 -6.34 -21.36 4.30
CA GLN A 170 -5.85 -20.32 5.20
C GLN A 170 -4.95 -19.31 4.48
N ARG A 171 -4.08 -19.80 3.61
CA ARG A 171 -3.22 -18.91 2.83
C ARG A 171 -4.06 -18.00 1.93
N SER A 172 -5.06 -18.57 1.27
N SER A 172 -5.05 -18.57 1.25
CA SER A 172 -5.87 -17.78 0.35
CA SER A 172 -5.89 -17.79 0.34
C SER A 172 -6.72 -16.74 1.08
C SER A 172 -6.72 -16.73 1.08
N LEU A 173 -7.23 -17.08 2.26
CA LEU A 173 -7.98 -16.11 3.07
C LEU A 173 -7.06 -15.03 3.66
N THR A 174 -5.85 -15.39 3.98
CA THR A 174 -4.87 -14.41 4.49
C THR A 174 -4.62 -13.37 3.41
N THR A 175 -4.38 -13.83 2.19
CA THR A 175 -4.12 -12.92 1.08
C THR A 175 -5.31 -12.05 0.75
N LEU A 176 -6.51 -12.63 0.75
CA LEU A 176 -7.72 -11.84 0.55
C LEU A 176 -7.90 -10.72 1.57
N GLY A 177 -7.71 -11.07 2.82
CA GLY A 177 -7.82 -10.11 3.91
C GLY A 177 -6.84 -8.96 3.78
N PHE A 178 -5.56 -9.29 3.57
CA PHE A 178 -4.54 -8.27 3.33
C PHE A 178 -4.82 -7.45 2.07
N ALA A 179 -5.24 -8.08 0.98
CA ALA A 179 -5.59 -7.35 -0.27
C ALA A 179 -6.82 -6.45 -0.12
N THR A 180 -7.85 -6.90 0.59
CA THR A 180 -9.00 -6.06 0.90
C THR A 180 -8.59 -4.79 1.64
N VAL A 181 -7.78 -4.95 2.67
CA VAL A 181 -7.25 -3.82 3.40
C VAL A 181 -6.52 -2.89 2.46
N ALA A 182 -5.64 -3.45 1.64
CA ALA A 182 -4.84 -2.65 0.72
C ALA A 182 -5.71 -1.87 -0.24
N GLU A 183 -6.63 -2.54 -0.90
CA GLU A 183 -7.47 -1.89 -1.91
C GLU A 183 -8.42 -0.83 -1.33
N ILE A 184 -8.80 -0.99 -0.08
CA ILE A 184 -9.79 -0.13 0.54
C ILE A 184 -9.08 1.03 1.26
N SER A 185 -7.81 0.84 1.58
CA SER A 185 -7.05 1.83 2.31
C SER A 185 -6.04 2.57 1.45
N ILE A 186 -5.81 2.15 0.22
CA ILE A 186 -4.73 2.76 -0.60
C ILE A 186 -4.99 4.25 -0.94
N ASN A 187 -6.27 4.60 -1.05
CA ASN A 187 -6.67 5.98 -1.33
C ASN A 187 -6.08 6.91 -0.28
N ALA A 188 -6.21 6.53 0.99
CA ALA A 188 -5.68 7.31 2.09
C ALA A 188 -4.14 7.35 2.09
N TYR A 189 -3.51 6.27 1.63
CA TYR A 189 -2.03 6.23 1.53
C TYR A 189 -1.58 7.18 0.38
N LEU A 190 -2.29 7.14 -0.73
CA LEU A 190 -2.03 8.01 -1.89
C LEU A 190 -2.34 9.52 -1.59
N ASP A 191 -3.44 9.77 -0.87
CA ASP A 191 -3.81 11.10 -0.41
C ASP A 191 -2.66 11.87 0.22
N LEU A 192 -1.77 11.16 0.91
CA LEU A 192 -0.63 11.78 1.60
C LEU A 192 0.28 12.58 0.70
N LEU A 193 0.37 12.20 -0.58
CA LEU A 193 1.17 12.95 -1.56
C LEU A 193 0.35 13.54 -2.70
N ALA A 194 -0.82 12.97 -2.96
CA ALA A 194 -1.63 13.43 -4.09
C ALA A 194 -1.94 14.93 -4.02
N ASP A 195 -2.12 15.46 -2.82
CA ASP A 195 -2.52 16.85 -2.65
C ASP A 195 -1.36 17.79 -2.39
N ASP A 196 -0.14 17.26 -2.23
CA ASP A 196 0.98 18.06 -1.75
C ASP A 196 1.50 18.93 -2.87
N GLN A 197 1.39 20.26 -2.70
CA GLN A 197 1.73 21.19 -3.77
C GLN A 197 3.17 21.67 -3.67
N GLU A 198 3.87 21.30 -2.60
CA GLU A 198 5.30 21.56 -2.46
C GLU A 198 6.18 20.55 -3.23
N ILE A 199 5.95 19.25 -3.06
CA ILE A 199 6.79 18.23 -3.72
C ILE A 199 6.77 18.30 -5.24
N GLN A 200 7.72 17.60 -5.86
CA GLN A 200 7.80 17.49 -7.31
C GLN A 200 6.45 17.18 -7.90
N VAL A 201 6.09 17.88 -8.97
CA VAL A 201 4.75 17.78 -9.54
C VAL A 201 4.59 16.46 -10.30
N VAL A 202 5.65 15.97 -10.94
CA VAL A 202 5.57 14.65 -11.54
C VAL A 202 5.25 13.58 -10.47
N ASN A 203 5.70 13.80 -9.24
CA ASN A 203 5.47 12.85 -8.14
C ASN A 203 4.04 12.91 -7.63
N SER A 204 3.55 14.12 -7.38
N SER A 204 3.54 14.11 -7.37
CA SER A 204 2.15 14.33 -6.97
CA SER A 204 2.16 14.29 -6.93
C SER A 204 1.17 13.85 -8.03
C SER A 204 1.14 13.90 -8.00
N THR A 205 1.45 14.21 -9.26
CA THR A 205 0.60 13.82 -10.39
C THR A 205 0.57 12.31 -10.63
N THR A 206 1.72 11.65 -10.42
CA THR A 206 1.76 10.20 -10.51
C THR A 206 0.83 9.59 -9.46
N VAL A 207 0.94 10.08 -8.24
CA VAL A 207 0.15 9.59 -7.13
C VAL A 207 -1.36 9.91 -7.34
N LYS A 208 -1.69 11.09 -7.84
CA LYS A 208 -3.10 11.46 -8.15
C LYS A 208 -3.73 10.53 -9.16
N LEU A 209 -2.96 10.23 -10.19
CA LEU A 209 -3.43 9.41 -11.30
C LEU A 209 -3.72 7.99 -10.81
N HIS A 210 -2.79 7.43 -10.04
CA HIS A 210 -3.02 6.18 -9.35
C HIS A 210 -4.32 6.24 -8.49
N ASN A 211 -4.43 7.32 -7.73
CA ASN A 211 -5.58 7.53 -6.85
C ASN A 211 -6.94 7.44 -7.58
N ARG A 212 -7.03 8.03 -8.75
CA ARG A 212 -8.24 7.88 -9.58
C ARG A 212 -8.74 6.44 -9.69
N ASP A 213 -7.87 5.52 -10.12
CA ASP A 213 -8.27 4.12 -10.31
C ASP A 213 -8.71 3.47 -9.00
N GLU A 214 -8.05 3.82 -7.89
CA GLU A 214 -8.23 3.05 -6.69
C GLU A 214 -9.60 3.29 -6.01
N TYR A 215 -10.26 4.39 -6.36
CA TYR A 215 -11.63 4.64 -5.91
C TYR A 215 -12.54 3.50 -6.36
N CYS A 216 -12.40 3.12 -7.63
CA CYS A 216 -13.21 2.06 -8.20
C CYS A 216 -12.80 0.68 -7.70
N HIS A 217 -11.49 0.49 -7.46
CA HIS A 217 -10.98 -0.76 -6.89
C HIS A 217 -11.55 -1.02 -5.49
N ALA A 218 -11.64 0.05 -4.69
CA ALA A 218 -12.17 -0.04 -3.34
C ALA A 218 -13.60 -0.59 -3.36
N SER A 219 -14.40 -0.13 -4.33
CA SER A 219 -15.78 -0.60 -4.47
C SER A 219 -15.85 -2.09 -4.79
N ILE A 220 -15.06 -2.52 -5.78
CA ILE A 220 -14.98 -3.92 -6.14
C ILE A 220 -14.57 -4.77 -4.95
N SER A 221 -13.48 -4.38 -4.30
CA SER A 221 -12.91 -5.14 -3.20
C SER A 221 -13.87 -5.24 -2.02
N GLY A 222 -14.59 -4.15 -1.75
CA GLY A 222 -15.59 -4.11 -0.71
C GLY A 222 -16.70 -5.10 -0.98
N GLU A 223 -17.23 -5.05 -2.20
CA GLU A 223 -18.29 -5.96 -2.63
C GLU A 223 -17.87 -7.41 -2.48
N MET A 224 -16.67 -7.71 -2.97
CA MET A 224 -16.20 -9.07 -2.94
C MET A 224 -16.05 -9.57 -1.53
N MET A 225 -15.51 -8.73 -0.64
CA MET A 225 -15.34 -9.10 0.76
C MET A 225 -16.65 -9.45 1.46
N LYS A 226 -17.63 -8.55 1.33
CA LYS A 226 -18.98 -8.72 1.83
C LYS A 226 -19.55 -10.09 1.45
N GLN A 227 -19.38 -10.46 0.18
CA GLN A 227 -19.98 -11.67 -0.33
C GLN A 227 -19.23 -12.92 0.09
N VAL A 228 -17.91 -12.87 0.11
CA VAL A 228 -17.11 -14.01 0.58
C VAL A 228 -17.43 -14.31 2.03
N TYR A 229 -17.40 -13.26 2.85
CA TYR A 229 -17.69 -13.34 4.28
C TYR A 229 -19.04 -14.00 4.54
N GLU A 230 -20.06 -13.56 3.80
CA GLU A 230 -21.41 -14.10 3.95
C GLU A 230 -21.51 -15.58 3.61
N ALA A 231 -20.77 -16.00 2.58
CA ALA A 231 -20.78 -17.39 2.11
C ALA A 231 -19.84 -18.33 2.88
N LEU A 232 -18.94 -17.77 3.69
CA LEU A 232 -18.01 -18.59 4.48
C LEU A 232 -18.68 -19.16 5.74
N PRO A 233 -18.25 -20.35 6.16
CA PRO A 233 -18.64 -20.85 7.48
C PRO A 233 -18.00 -20.04 8.60
N ALA A 234 -18.59 -20.14 9.77
CA ALA A 234 -18.28 -19.27 10.90
C ALA A 234 -16.79 -19.25 11.29
N ASP A 235 -16.15 -20.42 11.30
CA ASP A 235 -14.72 -20.51 11.61
C ASP A 235 -13.87 -19.78 10.56
N ARG A 236 -14.20 -19.94 9.29
CA ARG A 236 -13.42 -19.32 8.23
C ARG A 236 -13.69 -17.79 8.19
N ARG A 237 -14.91 -17.38 8.51
CA ARG A 237 -15.25 -15.96 8.60
C ARG A 237 -14.37 -15.27 9.60
N ARG A 238 -14.22 -15.93 10.75
CA ARG A 238 -13.48 -15.36 11.85
C ARG A 238 -12.00 -15.23 11.47
N PHE A 239 -11.46 -16.29 10.84
CA PHE A 239 -10.07 -16.30 10.38
C PHE A 239 -9.83 -15.13 9.42
N LEU A 240 -10.75 -14.93 8.49
CA LEU A 240 -10.66 -13.83 7.52
C LEU A 240 -10.58 -12.47 8.21
N LEU A 241 -11.53 -12.15 9.10
CA LEU A 241 -11.49 -10.86 9.84
C LEU A 241 -10.20 -10.64 10.63
N GLU A 242 -9.67 -11.69 11.25
CA GLU A 242 -8.39 -11.60 11.94
C GLU A 242 -7.27 -11.16 10.98
N LYS A 243 -7.32 -11.65 9.76
CA LYS A 243 -6.36 -11.26 8.74
C LYS A 243 -6.55 -9.81 8.26
N VAL A 244 -7.80 -9.38 8.11
CA VAL A 244 -8.12 -7.98 7.83
C VAL A 244 -7.53 -7.09 8.92
N VAL A 245 -7.71 -7.46 10.20
CA VAL A 245 -7.19 -6.69 11.32
C VAL A 245 -5.67 -6.57 11.26
N ALA A 246 -5.01 -7.70 11.14
CA ALA A 246 -3.54 -7.73 11.07
C ALA A 246 -3.03 -6.90 9.89
N GLY A 247 -3.73 -7.00 8.76
CA GLY A 247 -3.39 -6.25 7.57
C GLY A 247 -3.48 -4.74 7.77
N LEU A 248 -4.55 -4.26 8.40
CA LEU A 248 -4.75 -2.83 8.57
C LEU A 248 -3.66 -2.28 9.49
N GLU A 249 -3.47 -2.96 10.62
CA GLU A 249 -2.39 -2.63 11.57
C GLU A 249 -1.05 -2.47 10.82
N ALA A 250 -0.71 -3.45 9.98
CA ALA A 250 0.54 -3.39 9.23
C ALA A 250 0.53 -2.29 8.21
N PHE A 251 -0.62 -2.08 7.56
CA PHE A 251 -0.70 -1.16 6.43
C PHE A 251 -0.48 0.29 6.85
N VAL A 252 -1.04 0.67 7.99
CA VAL A 252 -1.03 2.07 8.43
C VAL A 252 0.23 2.47 9.21
N ALA A 253 1.02 1.47 9.63
CA ALA A 253 2.23 1.75 10.40
C ALA A 253 3.35 2.43 9.57
N PRO A 254 4.20 3.28 10.22
CA PRO A 254 5.45 3.72 9.58
C PRO A 254 6.39 2.54 9.38
N ASP A 255 7.14 2.52 8.30
CA ASP A 255 8.02 1.39 8.02
C ASP A 255 9.38 1.72 8.60
N PHE A 256 9.53 1.50 9.89
CA PHE A 256 10.77 1.82 10.59
C PHE A 256 11.94 1.05 10.00
N THR A 257 11.68 -0.21 9.65
CA THR A 257 12.74 -1.07 9.14
C THR A 257 13.31 -0.62 7.78
N THR A 258 12.43 -0.20 6.87
CA THR A 258 12.89 0.31 5.57
C THR A 258 13.74 1.57 5.75
N TRP A 259 13.31 2.43 6.65
CA TRP A 259 14.04 3.68 6.90
C TRP A 259 15.39 3.42 7.53
N GLU A 260 15.46 2.39 8.37
CA GLU A 260 16.71 1.93 8.94
C GLU A 260 17.71 1.47 7.86
N SER A 261 17.22 0.74 6.86
CA SER A 261 18.04 0.39 5.68
C SER A 261 18.52 1.63 4.90
N ILE A 262 17.67 2.64 4.79
CA ILE A 262 18.03 3.85 4.07
C ILE A 262 19.13 4.61 4.81
N VAL A 263 18.96 4.83 6.10
CA VAL A 263 19.91 5.70 6.83
C VAL A 263 21.27 4.99 7.03
N ALA A 264 21.24 3.67 7.19
CA ALA A 264 22.46 2.87 7.24
C ALA A 264 23.23 2.99 5.92
N PHE A 265 22.54 2.94 4.80
CA PHE A 265 23.18 2.96 3.50
C PHE A 265 23.75 4.33 3.22
N GLU A 266 23.08 5.36 3.70
CA GLU A 266 23.59 6.72 3.58
C GLU A 266 24.73 7.02 4.55
N GLY A 267 25.00 6.13 5.50
CA GLY A 267 26.11 6.36 6.43
C GLY A 267 25.85 7.54 7.37
N VAL A 268 24.61 7.69 7.80
CA VAL A 268 24.27 8.71 8.80
C VAL A 268 24.92 8.34 10.14
N PRO A 269 25.75 9.25 10.72
CA PRO A 269 26.42 8.89 11.96
C PRO A 269 25.46 8.77 13.14
N GLY A 270 25.55 7.66 13.87
CA GLY A 270 24.68 7.40 15.01
C GLY A 270 23.24 7.06 14.59
N TRP A 271 23.08 6.51 13.39
CA TRP A 271 21.73 6.16 12.92
C TRP A 271 21.11 5.12 13.83
N GLU A 272 21.91 4.16 14.27
CA GLU A 272 21.38 3.03 15.01
C GLU A 272 20.74 3.44 16.33
N LYS A 273 21.47 4.21 17.15
CA LYS A 273 20.94 4.71 18.42
C LYS A 273 19.66 5.51 18.20
N ALA A 274 19.69 6.39 17.22
CA ALA A 274 18.55 7.26 16.91
C ALA A 274 17.34 6.42 16.47
N ALA A 275 17.60 5.36 15.71
CA ALA A 275 16.54 4.52 15.19
C ALA A 275 15.82 3.87 16.35
N ALA A 276 16.58 3.45 17.36
CA ALA A 276 15.98 2.86 18.55
C ALA A 276 15.07 3.87 19.23
N GLU A 277 15.53 5.12 19.34
CA GLU A 277 14.80 6.17 20.01
C GLU A 277 13.54 6.55 19.23
N VAL A 278 13.64 6.50 17.90
CA VAL A 278 12.52 6.82 17.02
C VAL A 278 11.41 5.76 17.13
N ARG A 279 11.78 4.48 17.17
CA ARG A 279 10.82 3.40 17.42
C ARG A 279 10.13 3.56 18.78
N GLU A 280 10.87 4.00 19.78
CA GLU A 280 10.31 4.18 21.11
C GLU A 280 9.31 5.34 21.04
N ALA A 281 9.77 6.51 20.62
CA ALA A 281 8.92 7.70 20.57
C ALA A 281 7.75 7.63 19.56
N GLN A 282 7.96 7.01 18.40
CA GLN A 282 6.96 7.03 17.33
C GLN A 282 6.19 5.71 17.16
N GLY A 283 6.60 4.67 17.89
CA GLY A 283 5.92 3.37 17.81
C GLY A 283 4.55 3.48 18.44
N GLY A 284 3.57 3.87 17.63
CA GLY A 284 2.24 4.20 18.15
C GLY A 284 1.52 5.17 17.23
N THR A 285 2.28 6.05 16.58
CA THR A 285 1.76 6.89 15.51
C THR A 285 1.46 6.04 14.26
N HIS A 286 0.44 6.44 13.52
CA HIS A 286 0.11 5.81 12.26
C HIS A 286 0.63 6.75 11.20
N LEU A 287 1.27 6.24 10.15
CA LEU A 287 1.59 7.06 8.98
C LEU A 287 0.30 7.38 8.25
N VAL A 288 -0.58 6.39 8.19
CA VAL A 288 -1.87 6.53 7.53
C VAL A 288 -2.90 6.62 8.63
N GLN A 289 -3.49 7.81 8.75
CA GLN A 289 -4.43 8.08 9.82
C GLN A 289 -5.88 7.93 9.37
N ASP A 290 -6.15 8.04 8.07
CA ASP A 290 -7.52 7.88 7.54
C ASP A 290 -7.85 6.40 7.29
N HIS A 291 -8.57 5.82 8.26
CA HIS A 291 -9.01 4.42 8.24
C HIS A 291 -10.48 4.32 7.86
N SER A 292 -11.02 5.33 7.18
CA SER A 292 -12.45 5.37 6.91
C SER A 292 -12.88 4.29 5.93
N GLY A 293 -11.97 3.80 5.08
CA GLY A 293 -12.30 2.76 4.13
C GLY A 293 -12.72 1.50 4.85
N ILE A 294 -11.82 0.96 5.66
CA ILE A 294 -12.11 -0.29 6.38
C ILE A 294 -13.19 -0.07 7.46
N HIS A 295 -13.16 1.09 8.12
CA HIS A 295 -14.15 1.37 9.17
C HIS A 295 -15.54 1.24 8.60
N THR A 296 -15.73 1.83 7.43
CA THR A 296 -17.00 1.84 6.75
C THR A 296 -17.39 0.48 6.22
N LEU A 297 -16.45 -0.27 5.64
CA LEU A 297 -16.69 -1.65 5.21
C LEU A 297 -17.15 -2.55 6.38
N LEU A 298 -16.48 -2.46 7.51
CA LEU A 298 -16.80 -3.30 8.66
C LEU A 298 -18.13 -2.88 9.31
N THR A 299 -18.49 -1.60 9.15
CA THR A 299 -19.77 -1.08 9.60
C THR A 299 -20.88 -1.63 8.73
N GLU A 300 -20.71 -1.56 7.42
CA GLU A 300 -21.72 -2.07 6.52
C GLU A 300 -21.89 -3.58 6.67
N MET A 301 -20.86 -4.27 7.12
CA MET A 301 -20.94 -5.72 7.33
C MET A 301 -21.51 -6.07 8.71
N ASP A 302 -21.69 -5.07 9.56
CA ASP A 302 -22.13 -5.22 10.95
C ASP A 302 -21.21 -6.13 11.77
N VAL A 303 -19.90 -6.06 11.50
CA VAL A 303 -18.90 -6.84 12.25
C VAL A 303 -17.86 -5.99 12.97
N LEU A 304 -18.06 -4.67 12.96
CA LEU A 304 -17.14 -3.75 13.63
C LEU A 304 -16.97 -4.06 15.12
N ASP A 305 -18.00 -4.68 15.72
CA ASP A 305 -17.98 -5.17 17.12
C ASP A 305 -16.61 -5.64 17.60
N GLN A 306 -15.95 -6.46 16.78
CA GLN A 306 -14.69 -7.14 17.15
C GLN A 306 -13.47 -6.56 16.41
N VAL A 307 -12.60 -5.86 17.14
CA VAL A 307 -11.50 -5.10 16.53
C VAL A 307 -10.33 -4.80 17.46
N GLU A 308 -9.23 -4.34 16.87
CA GLU A 308 -8.05 -3.89 17.58
C GLU A 308 -7.47 -2.64 16.93
FE FE B . -3.07 0.22 -7.53
FE FE C . -6.08 -1.46 -6.65
O1 TLA D . -13.14 5.80 2.65
O11 TLA D . -14.17 6.64 0.92
C1 TLA D . -13.10 6.42 1.55
C2 TLA D . -11.77 6.87 0.95
O2 TLA D . -10.77 5.95 1.39
C3 TLA D . -11.34 8.33 1.31
O3 TLA D . -11.26 8.53 2.72
C4 TLA D . -9.99 8.73 0.78
O4 TLA D . -8.98 8.32 1.41
O41 TLA D . -9.87 9.47 -0.23
#